data_9F09
#
_entry.id   9F09
#
_cell.length_a   148.885
_cell.length_b   148.885
_cell.length_c   148.885
_cell.angle_alpha   90.000
_cell.angle_beta   90.000
_cell.angle_gamma   90.000
#
_symmetry.space_group_name_H-M   'I 21 3'
#
loop_
_entity.id
_entity.type
_entity.pdbx_description
1 polymer 'Nucleoside deoxyribosyltransferase'
2 non-polymer "2'-DEOXYCYTIDINE"
3 non-polymer 7-bromanyl-3~{H}-imidazo[4,5-b]pyridine
4 non-polymer 2-deoxy-beta-D-erythro-pentofuranose
5 water water
#
_entity_poly.entity_id   1
_entity_poly.type   'polypeptide(L)'
_entity_poly.pdbx_seq_one_letter_code
;MPKKTIYFGAGWFTDRQNKAYKEAMEALKENPTIDLENSYVPLDNQYKGIRVDEHPEYLHDKVWATATYNNDLNGIKTND
IMLGVYIPDEEDVGLGMELGYALSQGKYVLLVIPDEDYGKPINLMSWGVSDNVIKMSQLKDFNFNKPRFDFYEGAVY
;
_entity_poly.pdbx_strand_id   A,B
#
# COMPACT_ATOMS: atom_id res chain seq x y z
N MET A 1 10.09 9.88 29.46
CA MET A 1 11.19 9.04 30.02
C MET A 1 11.12 7.61 29.46
N PRO A 2 9.93 6.94 29.38
CA PRO A 2 9.78 5.78 28.50
C PRO A 2 9.90 6.24 27.05
N LYS A 3 10.54 5.40 26.22
CA LYS A 3 10.80 5.71 24.83
C LYS A 3 10.28 4.55 23.96
N LYS A 4 9.82 4.88 22.76
CA LYS A 4 9.37 3.89 21.79
C LYS A 4 10.29 3.90 20.57
N THR A 5 10.37 2.77 19.87
CA THR A 5 11.10 2.71 18.61
C THR A 5 10.10 2.79 17.47
N ILE A 6 10.60 3.17 16.29
CA ILE A 6 9.74 3.29 15.13
C ILE A 6 10.36 2.61 13.93
N TYR A 7 9.50 2.34 12.95
CA TYR A 7 9.89 2.05 11.59
C TYR A 7 9.68 3.32 10.78
N PHE A 8 10.75 3.77 10.11
CA PHE A 8 10.74 5.00 9.35
C PHE A 8 10.21 4.74 7.95
N GLY A 9 8.88 4.73 7.83
CA GLY A 9 8.28 4.54 6.51
C GLY A 9 8.27 5.85 5.73
N ALA A 10 8.90 5.83 4.57
CA ALA A 10 9.01 7.03 3.75
C ALA A 10 9.57 6.67 2.38
N GLY A 11 8.97 7.24 1.34
CA GLY A 11 9.61 7.21 0.03
C GLY A 11 10.86 8.08 0.00
N TRP A 12 11.75 7.79 -0.97
CA TRP A 12 12.93 8.58 -1.19
C TRP A 12 13.16 8.79 -2.69
N PHE A 13 12.05 8.97 -3.44
CA PHE A 13 12.08 8.89 -4.89
C PHE A 13 11.77 10.21 -5.58
N THR A 14 11.48 11.29 -4.81
CA THR A 14 11.21 12.62 -5.36
C THR A 14 11.83 13.67 -4.43
N ASP A 15 11.88 14.92 -4.90
CA ASP A 15 12.48 16.00 -4.13
C ASP A 15 11.62 16.30 -2.91
N ARG A 16 10.28 16.23 -3.05
CA ARG A 16 9.41 16.49 -1.93
C ARG A 16 9.50 15.36 -0.91
N GLN A 17 9.62 14.12 -1.41
CA GLN A 17 9.79 12.96 -0.55
C GLN A 17 11.07 13.13 0.27
N ASN A 18 12.17 13.52 -0.38
CA ASN A 18 13.45 13.59 0.30
C ASN A 18 13.45 14.75 1.28
N LYS A 19 12.78 15.85 0.92
CA LYS A 19 12.69 16.98 1.83
C LYS A 19 11.96 16.54 3.10
N ALA A 20 10.80 15.90 2.94
CA ALA A 20 9.96 15.50 4.06
C ALA A 20 10.68 14.47 4.93
N TYR A 21 11.43 13.60 4.27
CA TYR A 21 12.22 12.58 4.93
C TYR A 21 13.21 13.25 5.89
N LYS A 22 13.94 14.27 5.38
CA LYS A 22 14.99 14.92 6.16
C LYS A 22 14.36 15.61 7.36
N GLU A 23 13.23 16.28 7.11
CA GLU A 23 12.49 16.98 8.15
C GLU A 23 12.02 16.03 9.24
N ALA A 24 11.45 14.88 8.84
CA ALA A 24 10.90 13.94 9.80
C ALA A 24 12.00 13.34 10.66
N MET A 25 13.14 13.06 10.05
CA MET A 25 14.27 12.49 10.78
C MET A 25 14.74 13.51 11.83
N GLU A 26 14.84 14.79 11.47
CA GLU A 26 15.23 15.82 12.43
C GLU A 26 14.22 15.95 13.57
N ALA A 27 12.91 15.88 13.25
CA ALA A 27 11.90 15.91 14.29
C ALA A 27 12.07 14.75 15.27
N LEU A 28 12.33 13.54 14.74
CA LEU A 28 12.50 12.37 15.58
C LEU A 28 13.71 12.53 16.51
N LYS A 29 14.82 13.09 16.03
CA LYS A 29 15.99 13.29 16.87
C LYS A 29 15.66 14.12 18.11
N GLU A 30 14.72 15.08 17.98
CA GLU A 30 14.37 16.02 19.05
C GLU A 30 13.23 15.49 19.91
N ASN A 31 12.60 14.35 19.54
CA ASN A 31 11.43 13.92 20.28
C ASN A 31 11.86 13.05 21.46
N PRO A 32 11.57 13.43 22.71
CA PRO A 32 12.06 12.68 23.86
C PRO A 32 11.30 11.40 24.19
N THR A 33 10.23 11.07 23.47
CA THR A 33 9.58 9.76 23.66
C THR A 33 10.03 8.73 22.60
N ILE A 34 11.01 9.09 21.76
CA ILE A 34 11.50 8.25 20.69
C ILE A 34 12.94 7.84 20.95
N ASP A 35 13.22 6.54 20.84
CA ASP A 35 14.56 6.01 20.77
C ASP A 35 14.90 5.78 19.30
N LEU A 36 15.52 6.80 18.70
CA LEU A 36 15.82 6.76 17.27
C LEU A 36 17.00 5.84 16.97
N GLU A 37 17.92 5.73 17.91
CA GLU A 37 19.08 4.88 17.69
C GLU A 37 18.66 3.43 17.49
N ASN A 38 17.61 2.94 18.18
CA ASN A 38 17.22 1.54 18.10
C ASN A 38 16.05 1.33 17.12
N SER A 39 15.74 2.38 16.34
CA SER A 39 14.67 2.35 15.37
C SER A 39 15.20 1.82 14.05
N TYR A 40 14.28 1.44 13.16
CA TYR A 40 14.64 0.84 11.88
C TYR A 40 14.41 1.86 10.77
N VAL A 41 15.51 2.17 10.07
CA VAL A 41 15.50 3.03 8.90
C VAL A 41 15.76 2.18 7.67
N PRO A 42 14.78 1.96 6.80
CA PRO A 42 14.96 1.10 5.62
C PRO A 42 16.22 1.40 4.82
N LEU A 43 16.46 2.70 4.56
CA LEU A 43 17.53 3.09 3.67
C LEU A 43 18.89 2.64 4.19
N ASP A 44 19.02 2.43 5.50
CA ASP A 44 20.27 1.95 6.11
C ASP A 44 20.22 0.45 6.40
N ASN A 45 19.21 -0.27 5.93
CA ASN A 45 19.09 -1.68 6.25
C ASN A 45 18.91 -2.50 4.97
N GLN A 46 19.32 -1.95 3.81
CA GLN A 46 19.11 -2.66 2.55
C GLN A 46 20.13 -3.78 2.56
N TYR A 47 19.79 -4.92 1.95
CA TYR A 47 20.70 -6.06 1.98
C TYR A 47 22.07 -5.66 1.44
N LYS A 48 23.10 -5.95 2.23
CA LYS A 48 24.51 -5.73 1.89
C LYS A 48 24.90 -4.26 1.74
N GLY A 49 24.06 -3.29 2.16
CA GLY A 49 24.38 -1.87 2.00
C GLY A 49 23.94 -1.30 0.64
N ILE A 50 23.49 -2.17 -0.28
CA ILE A 50 23.32 -1.75 -1.65
C ILE A 50 21.96 -1.07 -1.83
N ARG A 51 21.93 -0.01 -2.66
CA ARG A 51 20.69 0.66 -3.04
C ARG A 51 20.52 0.53 -4.55
N VAL A 52 19.40 -0.01 -5.01
CA VAL A 52 19.19 -0.20 -6.44
C VAL A 52 19.42 1.10 -7.24
N ASP A 53 19.51 2.26 -6.57
CA ASP A 53 19.81 3.51 -7.25
C ASP A 53 21.32 3.65 -7.43
N GLU A 54 22.10 3.28 -6.40
CA GLU A 54 23.55 3.42 -6.39
C GLU A 54 24.25 2.22 -7.03
N HIS A 55 23.58 1.06 -7.11
CA HIS A 55 24.15 -0.16 -7.70
C HIS A 55 23.05 -0.93 -8.43
N PRO A 56 22.62 -0.47 -9.63
CA PRO A 56 21.51 -1.04 -10.38
C PRO A 56 21.63 -2.47 -10.91
N GLU A 57 22.77 -3.09 -10.60
CA GLU A 57 22.98 -4.49 -10.94
C GLU A 57 22.10 -5.35 -10.03
N TYR A 58 21.70 -4.84 -8.86
CA TYR A 58 20.89 -5.63 -7.93
C TYR A 58 19.38 -5.51 -8.16
N LEU A 59 18.98 -4.96 -9.31
CA LEU A 59 17.59 -4.66 -9.67
C LEU A 59 16.88 -5.91 -10.21
N HIS A 60 17.66 -6.99 -10.34
CA HIS A 60 17.16 -8.26 -10.84
C HIS A 60 17.67 -9.39 -9.93
N ASP A 61 18.56 -9.11 -8.96
CA ASP A 61 18.95 -10.07 -7.92
C ASP A 61 17.77 -10.33 -6.96
N LYS A 62 17.29 -11.58 -6.95
CA LYS A 62 16.14 -11.99 -6.17
C LYS A 62 16.54 -12.24 -4.71
N VAL A 63 17.82 -12.51 -4.47
CA VAL A 63 18.33 -12.66 -3.12
C VAL A 63 18.33 -11.30 -2.42
N TRP A 64 18.89 -10.29 -3.09
CA TRP A 64 18.87 -8.94 -2.55
C TRP A 64 17.44 -8.53 -2.21
N ALA A 65 16.50 -8.77 -3.14
CA ALA A 65 15.11 -8.40 -2.98
C ALA A 65 14.46 -9.15 -1.81
N THR A 66 14.69 -10.46 -1.74
CA THR A 66 14.12 -11.29 -0.69
C THR A 66 14.57 -10.77 0.67
N ALA A 67 15.88 -10.56 0.81
CA ALA A 67 16.46 -10.15 2.09
C ALA A 67 16.02 -8.75 2.47
N THR A 68 15.93 -7.85 1.50
CA THR A 68 15.58 -6.47 1.79
C THR A 68 14.09 -6.42 2.17
N TYR A 69 13.22 -7.06 1.39
CA TYR A 69 11.81 -7.11 1.73
C TYR A 69 11.65 -7.67 3.14
N ASN A 70 12.30 -8.79 3.45
CA ASN A 70 12.12 -9.45 4.73
C ASN A 70 12.64 -8.59 5.88
N ASN A 71 13.74 -7.88 5.64
CA ASN A 71 14.32 -7.02 6.67
C ASN A 71 13.35 -5.89 7.02
N ASP A 72 12.69 -5.31 6.03
CA ASP A 72 11.71 -4.25 6.25
C ASP A 72 10.54 -4.78 7.06
N LEU A 73 10.00 -5.95 6.71
CA LEU A 73 8.89 -6.51 7.47
C LEU A 73 9.35 -6.70 8.91
N ASN A 74 10.54 -7.24 9.08
CA ASN A 74 11.12 -7.44 10.40
C ASN A 74 11.28 -6.12 11.16
N GLY A 75 11.71 -5.08 10.45
CA GLY A 75 11.84 -3.76 11.05
C GLY A 75 10.49 -3.22 11.51
N ILE A 76 9.41 -3.53 10.78
CA ILE A 76 8.10 -3.09 11.22
C ILE A 76 7.68 -3.89 12.45
N LYS A 77 7.80 -5.21 12.36
CA LYS A 77 7.21 -6.07 13.38
C LYS A 77 7.99 -5.95 14.70
N THR A 78 9.29 -5.67 14.71
CA THR A 78 10.03 -5.63 15.97
C THR A 78 10.13 -4.21 16.57
N ASN A 79 9.48 -3.19 15.98
CA ASN A 79 9.49 -1.86 16.56
C ASN A 79 8.08 -1.47 17.04
N ASP A 80 8.04 -0.47 17.94
CA ASP A 80 6.81 -0.20 18.66
C ASP A 80 5.80 0.47 17.75
N ILE A 81 6.27 1.34 16.85
CA ILE A 81 5.37 2.23 16.16
C ILE A 81 5.70 2.33 14.67
N MET A 82 4.66 2.41 13.84
CA MET A 82 4.78 2.60 12.40
C MET A 82 4.56 4.06 12.02
N LEU A 83 5.60 4.63 11.40
CA LEU A 83 5.58 6.01 10.93
C LEU A 83 5.53 5.99 9.40
N GLY A 84 4.65 6.82 8.86
CA GLY A 84 4.57 7.02 7.42
C GLY A 84 4.72 8.48 7.05
N VAL A 85 5.89 8.84 6.52
CA VAL A 85 6.09 10.14 5.94
C VAL A 85 5.35 10.16 4.61
N TYR A 86 4.43 11.11 4.47
CA TYR A 86 3.36 10.98 3.50
C TYR A 86 3.16 12.29 2.72
N ILE A 87 3.38 12.23 1.41
CA ILE A 87 3.15 13.35 0.50
C ILE A 87 1.86 13.09 -0.27
N PRO A 88 0.78 13.85 0.01
CA PRO A 88 -0.52 13.61 -0.62
C PRO A 88 -0.52 13.61 -2.15
N ASP A 89 0.34 14.42 -2.77
CA ASP A 89 0.45 14.49 -4.22
C ASP A 89 1.39 13.43 -4.77
N GLU A 90 2.18 12.76 -3.92
CA GLU A 90 3.17 11.80 -4.37
C GLU A 90 3.11 10.57 -3.46
N GLU A 91 1.96 9.90 -3.48
CA GLU A 91 1.74 8.79 -2.58
C GLU A 91 2.56 7.61 -3.06
N ASP A 92 2.96 6.73 -2.14
CA ASP A 92 3.89 5.66 -2.45
C ASP A 92 3.28 4.29 -2.18
N VAL A 93 3.32 3.45 -3.22
CA VAL A 93 2.75 2.12 -3.13
C VAL A 93 3.47 1.28 -2.07
N GLY A 94 4.80 1.40 -1.96
CA GLY A 94 5.57 0.62 -1.02
C GLY A 94 5.15 0.91 0.42
N LEU A 95 5.03 2.20 0.72
CA LEU A 95 4.57 2.62 2.02
C LEU A 95 3.17 2.11 2.26
N GLY A 96 2.31 2.19 1.25
CA GLY A 96 0.96 1.68 1.38
C GLY A 96 0.98 0.24 1.90
N MET A 97 1.78 -0.61 1.24
CA MET A 97 1.89 -2.00 1.64
C MET A 97 2.32 -2.11 3.10
N GLU A 98 3.34 -1.35 3.48
CA GLU A 98 3.91 -1.38 4.81
C GLU A 98 2.90 -0.92 5.86
N LEU A 99 2.04 0.05 5.50
CA LEU A 99 0.95 0.47 6.39
C LEU A 99 0.03 -0.72 6.69
N GLY A 100 -0.31 -1.46 5.64
CA GLY A 100 -1.17 -2.63 5.79
C GLY A 100 -0.50 -3.72 6.61
N TYR A 101 0.81 -3.90 6.46
CA TYR A 101 1.51 -4.90 7.26
C TYR A 101 1.52 -4.44 8.72
N ALA A 102 1.81 -3.15 8.95
CA ALA A 102 1.84 -2.60 10.31
C ALA A 102 0.50 -2.81 11.01
N LEU A 103 -0.61 -2.54 10.31
CA LEU A 103 -1.94 -2.78 10.83
C LEU A 103 -2.05 -4.24 11.26
N SER A 104 -1.63 -5.14 10.39
CA SER A 104 -1.74 -6.55 10.67
C SER A 104 -0.88 -6.94 11.88
N GLN A 105 0.17 -6.15 12.18
CA GLN A 105 1.03 -6.53 13.28
C GLN A 105 0.66 -5.78 14.56
N GLY A 106 -0.50 -5.10 14.57
CA GLY A 106 -0.98 -4.43 15.75
C GLY A 106 -0.23 -3.15 16.13
N LYS A 107 0.37 -2.46 15.16
CA LYS A 107 1.16 -1.27 15.44
C LYS A 107 0.30 -0.03 15.31
N TYR A 108 0.58 0.96 16.16
CA TYR A 108 0.09 2.30 15.96
C TYR A 108 0.63 2.82 14.64
N VAL A 109 -0.28 3.33 13.82
CA VAL A 109 0.06 3.76 12.47
C VAL A 109 -0.15 5.27 12.40
N LEU A 110 0.95 6.01 12.34
CA LEU A 110 0.95 7.46 12.36
C LEU A 110 1.47 7.96 11.02
N LEU A 111 0.62 8.71 10.30
CA LEU A 111 1.10 9.45 9.12
C LEU A 111 1.56 10.87 9.54
N VAL A 112 2.64 11.34 8.93
CA VAL A 112 3.11 12.69 9.05
C VAL A 112 3.17 13.33 7.65
N ILE A 113 2.55 14.50 7.52
CA ILE A 113 2.46 15.24 6.27
C ILE A 113 3.10 16.60 6.46
N PRO A 114 4.00 17.02 5.52
CA PRO A 114 4.54 18.37 5.51
C PRO A 114 3.46 19.40 5.77
N ASP A 115 3.80 20.41 6.59
CA ASP A 115 2.83 21.43 6.98
C ASP A 115 2.23 22.08 5.74
N GLU A 116 3.06 22.30 4.70
CA GLU A 116 2.60 22.95 3.48
C GLU A 116 1.56 22.10 2.74
N ASP A 117 1.48 20.80 3.04
CA ASP A 117 0.52 19.92 2.36
C ASP A 117 -0.61 19.45 3.28
N TYR A 118 -0.50 19.71 4.59
CA TYR A 118 -1.46 19.14 5.53
C TYR A 118 -2.84 19.68 5.18
N GLY A 119 -3.82 18.79 4.99
CA GLY A 119 -5.17 19.17 4.59
C GLY A 119 -5.54 18.72 3.18
N LYS A 120 -4.54 18.54 2.30
CA LYS A 120 -4.76 18.05 0.96
C LYS A 120 -5.36 16.65 1.00
N PRO A 121 -6.14 16.24 -0.02
CA PRO A 121 -6.82 14.95 0.04
C PRO A 121 -5.80 13.82 0.04
N ILE A 122 -6.10 12.74 0.77
CA ILE A 122 -5.29 11.53 0.75
C ILE A 122 -6.16 10.35 0.38
N ASN A 123 -5.52 9.31 -0.15
CA ASN A 123 -6.24 8.09 -0.52
C ASN A 123 -7.06 7.62 0.67
N LEU A 124 -8.30 7.21 0.39
CA LEU A 124 -9.21 6.67 1.38
C LEU A 124 -8.54 5.56 2.19
N MET A 125 -7.82 4.65 1.51
CA MET A 125 -7.27 3.49 2.20
C MET A 125 -6.12 3.94 3.11
N SER A 126 -5.43 5.03 2.77
CA SER A 126 -4.43 5.59 3.67
C SER A 126 -5.11 6.22 4.88
N TRP A 127 -6.18 6.97 4.62
CA TRP A 127 -7.00 7.58 5.64
C TRP A 127 -7.46 6.52 6.64
N GLY A 128 -7.88 5.38 6.10
CA GLY A 128 -8.46 4.32 6.89
C GLY A 128 -7.44 3.48 7.66
N VAL A 129 -6.30 3.13 7.04
CA VAL A 129 -5.33 2.31 7.77
C VAL A 129 -4.78 3.09 8.96
N SER A 130 -4.62 4.39 8.77
CA SER A 130 -3.93 5.21 9.73
C SER A 130 -4.74 5.25 11.02
N ASP A 131 -4.03 5.28 12.14
CA ASP A 131 -4.69 5.55 13.42
C ASP A 131 -4.78 7.05 13.67
N ASN A 132 -3.90 7.81 13.01
CA ASN A 132 -3.84 9.24 13.25
C ASN A 132 -2.97 9.84 12.16
N VAL A 133 -3.14 11.14 11.89
CA VAL A 133 -2.29 11.84 10.95
C VAL A 133 -2.05 13.28 11.41
N ILE A 134 -0.77 13.67 11.44
CA ILE A 134 -0.30 14.90 12.02
C ILE A 134 0.54 15.66 11.01
N LYS A 135 0.92 16.90 11.34
CA LYS A 135 1.76 17.68 10.46
C LYS A 135 3.21 17.51 10.90
N MET A 136 4.13 17.72 9.97
CA MET A 136 5.54 17.58 10.24
C MET A 136 5.95 18.34 11.51
N SER A 137 5.38 19.52 11.72
CA SER A 137 5.83 20.38 12.81
C SER A 137 5.33 19.88 14.16
N GLN A 138 4.44 18.88 14.16
CA GLN A 138 3.97 18.25 15.39
C GLN A 138 4.84 17.05 15.79
N LEU A 139 5.72 16.58 14.91
CA LEU A 139 6.33 15.28 15.12
C LEU A 139 7.33 15.30 16.28
N LYS A 140 8.08 16.40 16.45
CA LYS A 140 9.07 16.53 17.52
C LYS A 140 8.43 16.46 18.92
N ASP A 141 7.14 16.74 19.05
CA ASP A 141 6.51 16.85 20.36
C ASP A 141 5.46 15.78 20.58
N PHE A 142 5.24 14.97 19.56
CA PHE A 142 4.23 13.92 19.66
C PHE A 142 4.60 12.96 20.81
N ASN A 143 3.62 12.68 21.67
CA ASN A 143 3.83 11.75 22.77
C ASN A 143 3.52 10.32 22.33
N PHE A 144 4.58 9.58 22.04
CA PHE A 144 4.43 8.22 21.52
C PHE A 144 4.08 7.24 22.62
N ASN A 145 4.13 7.68 23.89
CA ASN A 145 3.71 6.80 24.98
C ASN A 145 2.19 6.76 25.14
N LYS A 146 1.49 7.77 24.61
CA LYS A 146 0.03 7.84 24.75
C LYS A 146 -0.61 8.06 23.37
N PRO A 147 -0.36 7.17 22.41
CA PRO A 147 -0.87 7.37 21.06
C PRO A 147 -2.39 7.11 21.04
N ARG A 148 -3.14 8.00 20.38
CA ARG A 148 -4.59 7.89 20.31
C ARG A 148 -5.06 7.93 18.85
N PHE A 149 -6.26 7.41 18.66
CA PHE A 149 -6.96 7.46 17.39
C PHE A 149 -7.50 8.87 17.14
N ASP A 150 -7.25 9.42 15.95
CA ASP A 150 -7.90 10.67 15.57
C ASP A 150 -8.09 10.67 14.07
N PHE A 151 -9.02 11.51 13.59
CA PHE A 151 -9.27 11.62 12.15
C PHE A 151 -8.45 12.73 11.55
N TYR A 152 -7.97 12.50 10.31
CA TYR A 152 -7.31 13.55 9.54
C TYR A 152 -8.24 14.77 9.43
N GLU A 153 -7.70 15.95 9.69
CA GLU A 153 -8.37 17.22 9.44
C GLU A 153 -8.03 17.63 8.01
N GLY A 154 -8.71 16.99 7.05
CA GLY A 154 -8.39 17.09 5.63
C GLY A 154 -9.27 16.16 4.80
N ALA A 155 -9.14 16.21 3.48
CA ALA A 155 -10.03 15.45 2.61
C ALA A 155 -9.48 14.04 2.35
N VAL A 156 -10.36 13.16 1.86
CA VAL A 156 -9.94 11.97 1.12
C VAL A 156 -10.42 12.05 -0.32
N TYR A 157 -9.85 11.19 -1.15
CA TYR A 157 -10.42 10.83 -2.45
C TYR A 157 -10.54 9.28 -2.54
N MET B 1 -15.97 -27.31 -12.90
CA MET B 1 -14.82 -26.88 -12.06
C MET B 1 -15.32 -26.23 -10.75
N PRO B 2 -14.58 -26.31 -9.63
CA PRO B 2 -14.79 -25.38 -8.51
C PRO B 2 -14.45 -23.96 -8.94
N LYS B 3 -15.11 -22.98 -8.32
CA LYS B 3 -14.87 -21.57 -8.63
C LYS B 3 -14.49 -20.80 -7.36
N LYS B 4 -13.64 -19.79 -7.51
CA LYS B 4 -13.23 -18.93 -6.40
C LYS B 4 -13.70 -17.50 -6.68
N THR B 5 -13.91 -16.72 -5.61
CA THR B 5 -14.27 -15.32 -5.76
C THR B 5 -13.04 -14.46 -5.56
N ILE B 6 -13.09 -13.23 -6.06
CA ILE B 6 -11.97 -12.32 -5.92
C ILE B 6 -12.44 -10.96 -5.42
N TYR B 7 -11.46 -10.16 -4.97
CA TYR B 7 -11.62 -8.73 -4.80
C TYR B 7 -10.91 -8.09 -5.98
N PHE B 8 -11.62 -7.21 -6.68
CA PHE B 8 -11.11 -6.53 -7.85
C PHE B 8 -10.36 -5.27 -7.44
N GLY B 9 -9.09 -5.45 -7.10
CA GLY B 9 -8.22 -4.33 -6.76
C GLY B 9 -7.62 -3.65 -7.99
N ALA B 10 -8.15 -2.46 -8.34
CA ALA B 10 -7.80 -1.77 -9.56
C ALA B 10 -8.15 -0.29 -9.43
N GLY B 11 -7.18 0.59 -9.72
CA GLY B 11 -7.46 2.02 -9.80
C GLY B 11 -8.36 2.35 -11.00
N TRP B 12 -9.00 3.52 -10.95
CA TRP B 12 -9.87 3.97 -12.03
C TRP B 12 -9.66 5.46 -12.28
N PHE B 13 -8.41 5.93 -12.15
CA PHE B 13 -8.10 7.36 -12.08
C PHE B 13 -7.32 7.86 -13.29
N THR B 14 -6.91 6.97 -14.21
CA THR B 14 -6.12 7.33 -15.38
C THR B 14 -6.59 6.48 -16.56
N ASP B 15 -6.10 6.84 -17.76
CA ASP B 15 -6.48 6.15 -18.98
C ASP B 15 -5.92 4.74 -18.97
N ARG B 16 -4.68 4.59 -18.47
CA ARG B 16 -4.03 3.28 -18.44
C ARG B 16 -4.74 2.40 -17.42
N GLN B 17 -5.11 3.00 -16.28
CA GLN B 17 -5.86 2.29 -15.26
C GLN B 17 -7.17 1.75 -15.82
N ASN B 18 -7.93 2.62 -16.51
CA ASN B 18 -9.26 2.25 -16.98
C ASN B 18 -9.13 1.21 -18.10
N LYS B 19 -8.07 1.31 -18.91
CA LYS B 19 -7.86 0.31 -19.94
C LYS B 19 -7.62 -1.06 -19.31
N ALA B 20 -6.68 -1.12 -18.35
CA ALA B 20 -6.30 -2.38 -17.70
C ALA B 20 -7.49 -2.95 -16.94
N TYR B 21 -8.28 -2.08 -16.32
CA TYR B 21 -9.49 -2.46 -15.62
C TYR B 21 -10.42 -3.21 -16.56
N LYS B 22 -10.68 -2.63 -17.75
CA LYS B 22 -11.65 -3.20 -18.69
C LYS B 22 -11.14 -4.56 -19.14
N GLU B 23 -9.84 -4.62 -19.46
CA GLU B 23 -9.21 -5.85 -19.91
C GLU B 23 -9.28 -6.93 -18.84
N ALA B 24 -8.97 -6.57 -17.59
CA ALA B 24 -8.93 -7.56 -16.52
C ALA B 24 -10.32 -8.10 -16.24
N MET B 25 -11.32 -7.22 -16.28
CA MET B 25 -12.69 -7.62 -16.05
C MET B 25 -13.10 -8.58 -17.16
N GLU B 26 -12.75 -8.30 -18.43
CA GLU B 26 -13.06 -9.19 -19.55
C GLU B 26 -12.39 -10.55 -19.35
N ALA B 27 -11.11 -10.57 -18.92
CA ALA B 27 -10.41 -11.82 -18.71
C ALA B 27 -11.11 -12.64 -17.62
N LEU B 28 -11.54 -11.99 -16.53
CA LEU B 28 -12.23 -12.69 -15.46
C LEU B 28 -13.56 -13.28 -15.94
N LYS B 29 -14.31 -12.55 -16.77
CA LYS B 29 -15.57 -13.07 -17.30
C LYS B 29 -15.34 -14.40 -18.04
N GLU B 30 -14.18 -14.56 -18.70
CA GLU B 30 -13.87 -15.73 -19.50
C GLU B 30 -13.16 -16.82 -18.68
N ASN B 31 -12.78 -16.56 -17.43
CA ASN B 31 -12.01 -17.54 -16.67
C ASN B 31 -12.96 -18.47 -15.94
N PRO B 32 -12.95 -19.79 -16.24
CA PRO B 32 -13.92 -20.70 -15.64
C PRO B 32 -13.68 -21.11 -14.19
N THR B 33 -12.56 -20.67 -13.58
CA THR B 33 -12.31 -20.96 -12.17
C THR B 33 -12.73 -19.79 -11.28
N ILE B 34 -13.34 -18.75 -11.87
CA ILE B 34 -13.73 -17.54 -11.17
C ILE B 34 -15.24 -17.40 -11.14
N ASP B 35 -15.80 -17.12 -9.96
CA ASP B 35 -17.19 -16.73 -9.81
C ASP B 35 -17.22 -15.22 -9.69
N LEU B 36 -17.37 -14.56 -10.83
CA LEU B 36 -17.30 -13.10 -10.90
C LEU B 36 -18.54 -12.48 -10.31
N GLU B 37 -19.69 -13.16 -10.41
CA GLU B 37 -20.94 -12.59 -9.94
C GLU B 37 -20.85 -12.35 -8.43
N ASN B 38 -20.21 -13.28 -7.70
CA ASN B 38 -20.19 -13.20 -6.24
C ASN B 38 -18.86 -12.63 -5.74
N SER B 39 -18.04 -12.11 -6.66
CA SER B 39 -16.83 -11.36 -6.34
C SER B 39 -17.18 -9.94 -5.94
N TYR B 40 -16.21 -9.24 -5.34
CA TYR B 40 -16.42 -7.89 -4.85
C TYR B 40 -15.72 -6.93 -5.81
N VAL B 41 -16.54 -6.09 -6.44
CA VAL B 41 -16.09 -5.06 -7.34
C VAL B 41 -16.33 -3.73 -6.64
N PRO B 42 -15.28 -3.03 -6.18
CA PRO B 42 -15.48 -1.76 -5.49
C PRO B 42 -16.45 -0.80 -6.17
N LEU B 43 -16.25 -0.62 -7.48
CA LEU B 43 -16.91 0.47 -8.16
C LEU B 43 -18.42 0.22 -8.22
N ASP B 44 -18.87 -1.04 -8.06
CA ASP B 44 -20.29 -1.37 -8.02
C ASP B 44 -20.80 -1.52 -6.58
N ASN B 45 -19.99 -1.14 -5.58
CA ASN B 45 -20.38 -1.32 -4.18
C ASN B 45 -20.21 0.00 -3.45
N GLN B 46 -20.67 1.08 -4.11
CA GLN B 46 -20.52 2.44 -3.62
C GLN B 46 -21.53 2.65 -2.49
N TYR B 47 -21.10 3.23 -1.37
CA TYR B 47 -21.93 3.21 -0.18
C TYR B 47 -23.23 3.94 -0.47
N LYS B 48 -24.37 3.26 -0.23
CA LYS B 48 -25.71 3.81 -0.25
C LYS B 48 -26.13 4.25 -1.66
N GLY B 49 -25.40 3.83 -2.72
CA GLY B 49 -25.71 4.20 -4.09
C GLY B 49 -25.22 5.60 -4.47
N ILE B 50 -24.52 6.31 -3.57
CA ILE B 50 -24.19 7.70 -3.83
C ILE B 50 -22.94 7.75 -4.74
N ARG B 51 -22.91 8.71 -5.67
CA ARG B 51 -21.85 8.74 -6.67
C ARG B 51 -20.86 9.86 -6.33
N VAL B 52 -19.74 9.46 -5.72
CA VAL B 52 -18.65 10.34 -5.36
C VAL B 52 -18.29 11.33 -6.49
N ASP B 53 -18.64 11.01 -7.74
CA ASP B 53 -18.35 11.88 -8.88
C ASP B 53 -19.44 12.95 -9.00
N GLU B 54 -20.70 12.56 -8.82
CA GLU B 54 -21.84 13.46 -8.95
C GLU B 54 -22.08 14.28 -7.68
N HIS B 55 -21.47 13.88 -6.54
CA HIS B 55 -21.62 14.61 -5.28
C HIS B 55 -20.30 14.61 -4.49
N PRO B 56 -19.25 15.36 -4.92
CA PRO B 56 -17.94 15.31 -4.27
C PRO B 56 -17.80 15.96 -2.88
N GLU B 57 -18.95 16.40 -2.33
CA GLU B 57 -19.00 16.88 -0.96
C GLU B 57 -18.83 15.69 -0.01
N TYR B 58 -19.13 14.47 -0.44
CA TYR B 58 -19.06 13.30 0.43
C TYR B 58 -17.61 12.91 0.77
N LEU B 59 -16.62 13.60 0.18
CA LEU B 59 -15.21 13.36 0.43
C LEU B 59 -14.71 14.12 1.66
N HIS B 60 -15.65 14.78 2.36
CA HIS B 60 -15.38 15.36 3.67
C HIS B 60 -16.25 14.65 4.74
N ASP B 61 -17.20 13.80 4.30
CA ASP B 61 -18.07 13.03 5.18
C ASP B 61 -17.27 11.83 5.69
N LYS B 62 -17.12 11.76 7.03
CA LYS B 62 -16.33 10.72 7.68
C LYS B 62 -17.11 9.39 7.76
N VAL B 63 -18.44 9.49 7.73
CA VAL B 63 -19.27 8.30 7.72
C VAL B 63 -19.18 7.63 6.35
N TRP B 64 -19.32 8.42 5.27
CA TRP B 64 -19.13 7.87 3.93
C TRP B 64 -17.79 7.14 3.85
N ALA B 65 -16.70 7.82 4.31
CA ALA B 65 -15.36 7.27 4.22
C ALA B 65 -15.20 6.00 5.06
N THR B 66 -15.76 6.02 6.29
CA THR B 66 -15.73 4.87 7.18
C THR B 66 -16.39 3.67 6.48
N ALA B 67 -17.61 3.87 5.96
CA ALA B 67 -18.37 2.78 5.37
C ALA B 67 -17.71 2.24 4.10
N THR B 68 -17.12 3.14 3.32
CA THR B 68 -16.52 2.73 2.05
C THR B 68 -15.22 1.98 2.33
N TYR B 69 -14.39 2.51 3.22
CA TYR B 69 -13.17 1.82 3.62
C TYR B 69 -13.53 0.43 4.14
N ASN B 70 -14.52 0.34 5.03
CA ASN B 70 -14.85 -0.93 5.64
C ASN B 70 -15.45 -1.90 4.62
N ASN B 71 -16.19 -1.38 3.63
CA ASN B 71 -16.75 -2.24 2.59
C ASN B 71 -15.63 -2.91 1.80
N ASP B 72 -14.58 -2.15 1.47
CA ASP B 72 -13.45 -2.67 0.73
C ASP B 72 -12.73 -3.74 1.56
N LEU B 73 -12.45 -3.44 2.84
CA LEU B 73 -11.79 -4.41 3.68
C LEU B 73 -12.63 -5.68 3.72
N ASN B 74 -13.93 -5.49 3.92
CA ASN B 74 -14.87 -6.60 3.95
C ASN B 74 -14.88 -7.40 2.64
N GLY B 75 -14.82 -6.68 1.53
CA GLY B 75 -14.75 -7.33 0.22
C GLY B 75 -13.48 -8.16 0.07
N ILE B 76 -12.37 -7.70 0.68
CA ILE B 76 -11.16 -8.50 0.60
C ILE B 76 -11.28 -9.72 1.49
N LYS B 77 -11.72 -9.49 2.73
CA LYS B 77 -11.70 -10.55 3.73
C LYS B 77 -12.72 -11.64 3.43
N THR B 78 -13.87 -11.34 2.79
CA THR B 78 -14.87 -12.38 2.59
C THR B 78 -14.74 -13.09 1.24
N ASN B 79 -13.71 -12.79 0.43
CA ASN B 79 -13.52 -13.46 -0.85
C ASN B 79 -12.22 -14.26 -0.89
N ASP B 80 -12.11 -15.17 -1.86
CA ASP B 80 -11.07 -16.18 -1.80
C ASP B 80 -9.71 -15.57 -2.15
N ILE B 81 -9.71 -14.63 -3.08
CA ILE B 81 -8.47 -14.26 -3.71
C ILE B 81 -8.39 -12.75 -3.88
N MET B 82 -7.17 -12.23 -3.71
CA MET B 82 -6.89 -10.81 -3.91
C MET B 82 -6.22 -10.60 -5.26
N LEU B 83 -6.88 -9.78 -6.09
CA LEU B 83 -6.42 -9.44 -7.43
C LEU B 83 -6.03 -7.98 -7.43
N GLY B 84 -4.80 -7.72 -7.87
CA GLY B 84 -4.31 -6.38 -8.02
C GLY B 84 -3.95 -6.08 -9.47
N VAL B 85 -4.82 -5.31 -10.14
CA VAL B 85 -4.48 -4.79 -11.45
C VAL B 85 -3.47 -3.67 -11.23
N TYR B 86 -2.26 -3.84 -11.79
CA TYR B 86 -1.10 -3.10 -11.38
C TYR B 86 -0.41 -2.44 -12.59
N ILE B 87 -0.32 -1.10 -12.56
CA ILE B 87 0.35 -0.33 -13.59
C ILE B 87 1.68 0.17 -13.07
N PRO B 88 2.83 -0.36 -13.55
CA PRO B 88 4.14 -0.01 -13.01
C PRO B 88 4.49 1.47 -13.03
N ASP B 89 3.97 2.19 -14.03
CA ASP B 89 4.21 3.63 -14.12
C ASP B 89 3.21 4.44 -13.30
N GLU B 90 2.13 3.81 -12.80
CA GLU B 90 1.09 4.51 -12.07
C GLU B 90 0.77 3.73 -10.79
N GLU B 91 1.77 3.57 -9.93
CA GLU B 91 1.61 2.67 -8.79
C GLU B 91 0.69 3.35 -7.78
N ASP B 92 -0.17 2.57 -7.12
CA ASP B 92 -1.26 3.12 -6.34
C ASP B 92 -1.11 2.77 -4.86
N VAL B 93 -1.08 3.81 -4.02
CA VAL B 93 -0.92 3.65 -2.58
C VAL B 93 -2.10 2.86 -2.00
N GLY B 94 -3.31 3.12 -2.48
CA GLY B 94 -4.50 2.44 -1.97
C GLY B 94 -4.41 0.93 -2.20
N LEU B 95 -4.04 0.55 -3.42
CA LEU B 95 -3.87 -0.85 -3.76
C LEU B 95 -2.79 -1.44 -2.86
N GLY B 96 -1.69 -0.69 -2.68
CA GLY B 96 -0.61 -1.18 -1.85
C GLY B 96 -1.13 -1.59 -0.47
N MET B 97 -1.92 -0.70 0.15
CA MET B 97 -2.50 -0.95 1.45
C MET B 97 -3.34 -2.23 1.42
N GLU B 98 -4.20 -2.34 0.40
CA GLU B 98 -5.10 -3.49 0.28
C GLU B 98 -4.31 -4.79 0.12
N LEU B 99 -3.19 -4.74 -0.60
CA LEU B 99 -2.33 -5.90 -0.75
C LEU B 99 -1.82 -6.36 0.63
N GLY B 100 -1.39 -5.39 1.45
CA GLY B 100 -0.94 -5.69 2.80
C GLY B 100 -2.06 -6.28 3.66
N TYR B 101 -3.28 -5.77 3.52
CA TYR B 101 -4.40 -6.32 4.25
C TYR B 101 -4.68 -7.75 3.77
N ALA B 102 -4.68 -7.97 2.45
CA ALA B 102 -4.94 -9.29 1.88
C ALA B 102 -3.95 -10.33 2.42
N LEU B 103 -2.66 -9.97 2.45
CA LEU B 103 -1.63 -10.81 3.05
C LEU B 103 -2.02 -11.16 4.47
N SER B 104 -2.40 -10.14 5.24
CA SER B 104 -2.74 -10.36 6.63
C SER B 104 -3.97 -11.26 6.77
N GLN B 105 -4.82 -11.30 5.73
CA GLN B 105 -6.04 -12.11 5.85
C GLN B 105 -5.82 -13.50 5.26
N GLY B 106 -4.58 -13.83 4.87
CA GLY B 106 -4.29 -15.18 4.41
C GLY B 106 -4.74 -15.45 2.96
N LYS B 107 -4.87 -14.40 2.13
CA LYS B 107 -5.35 -14.57 0.78
C LYS B 107 -4.17 -14.77 -0.18
N TYR B 108 -4.38 -15.57 -1.24
CA TYR B 108 -3.53 -15.53 -2.40
C TYR B 108 -3.55 -14.14 -3.00
N VAL B 109 -2.36 -13.59 -3.25
CA VAL B 109 -2.23 -12.24 -3.77
C VAL B 109 -1.63 -12.29 -5.16
N LEU B 110 -2.47 -12.02 -6.15
CA LEU B 110 -2.11 -12.07 -7.57
C LEU B 110 -2.10 -10.67 -8.15
N LEU B 111 -0.94 -10.22 -8.62
CA LEU B 111 -0.87 -9.01 -9.43
C LEU B 111 -0.98 -9.36 -10.91
N VAL B 112 -1.65 -8.47 -11.66
CA VAL B 112 -1.81 -8.57 -13.09
C VAL B 112 -1.32 -7.26 -13.72
N ILE B 113 -0.37 -7.38 -14.65
CA ILE B 113 0.21 -6.23 -15.32
C ILE B 113 -0.10 -6.32 -16.82
N PRO B 114 -0.55 -5.22 -17.45
CA PRO B 114 -0.73 -5.19 -18.90
C PRO B 114 0.52 -5.72 -19.60
N ASP B 115 0.30 -6.49 -20.67
CA ASP B 115 1.38 -7.13 -21.40
C ASP B 115 2.39 -6.08 -21.85
N GLU B 116 1.90 -4.91 -22.27
CA GLU B 116 2.80 -3.85 -22.75
C GLU B 116 3.75 -3.35 -21.66
N ASP B 117 3.39 -3.59 -20.38
CA ASP B 117 4.18 -3.09 -19.27
C ASP B 117 4.88 -4.21 -18.51
N TYR B 118 4.55 -5.48 -18.79
CA TYR B 118 5.13 -6.57 -18.02
C TYR B 118 6.63 -6.56 -18.22
N GLY B 119 7.38 -6.51 -17.12
CA GLY B 119 8.84 -6.40 -17.13
C GLY B 119 9.35 -5.07 -16.55
N LYS B 120 8.52 -4.03 -16.58
CA LYS B 120 8.93 -2.72 -16.08
C LYS B 120 9.07 -2.80 -14.56
N PRO B 121 9.89 -1.92 -13.95
CA PRO B 121 10.21 -2.06 -12.53
C PRO B 121 8.99 -1.78 -11.66
N ILE B 122 8.87 -2.55 -10.57
CA ILE B 122 7.82 -2.35 -9.58
C ILE B 122 8.47 -2.25 -8.21
N ASN B 123 7.77 -1.56 -7.33
CA ASN B 123 8.19 -1.41 -5.95
C ASN B 123 8.49 -2.78 -5.32
N LEU B 124 9.60 -2.84 -4.58
CA LEU B 124 10.04 -4.00 -3.83
C LEU B 124 8.91 -4.56 -2.99
N MET B 125 8.17 -3.69 -2.29
CA MET B 125 7.14 -4.18 -1.39
C MET B 125 5.99 -4.79 -2.17
N SER B 126 5.74 -4.33 -3.39
CA SER B 126 4.76 -4.94 -4.25
C SER B 126 5.23 -6.33 -4.71
N TRP B 127 6.49 -6.38 -5.11
CA TRP B 127 7.14 -7.61 -5.50
C TRP B 127 7.03 -8.64 -4.38
N GLY B 128 7.25 -8.18 -3.14
CA GLY B 128 7.31 -9.05 -1.97
C GLY B 128 5.92 -9.47 -1.48
N VAL B 129 4.93 -8.56 -1.44
CA VAL B 129 3.61 -8.95 -0.93
C VAL B 129 3.02 -10.02 -1.84
N SER B 130 3.29 -9.89 -3.14
CA SER B 130 2.61 -10.68 -4.14
C SER B 130 3.02 -12.14 -3.94
N ASP B 131 2.07 -13.05 -4.13
CA ASP B 131 2.40 -14.45 -4.27
C ASP B 131 2.78 -14.80 -5.72
N ASN B 132 2.35 -13.97 -6.67
CA ASN B 132 2.65 -14.22 -8.06
C ASN B 132 2.30 -12.96 -8.84
N VAL B 133 2.98 -12.75 -9.97
CA VAL B 133 2.59 -11.67 -10.86
C VAL B 133 2.65 -12.13 -12.31
N ILE B 134 1.53 -11.92 -13.01
CA ILE B 134 1.30 -12.45 -14.34
C ILE B 134 0.95 -11.30 -15.28
N LYS B 135 0.87 -11.61 -16.57
CA LYS B 135 0.50 -10.59 -17.54
C LYS B 135 -0.99 -10.70 -17.81
N MET B 136 -1.57 -9.60 -18.25
CA MET B 136 -3.01 -9.52 -18.49
C MET B 136 -3.48 -10.69 -19.36
N SER B 137 -2.65 -11.09 -20.34
CA SER B 137 -3.03 -12.10 -21.31
C SER B 137 -3.11 -13.49 -20.69
N GLN B 138 -2.56 -13.66 -19.47
CA GLN B 138 -2.60 -14.96 -18.80
C GLN B 138 -3.79 -15.07 -17.84
N LEU B 139 -4.52 -13.97 -17.64
CA LEU B 139 -5.54 -13.94 -16.59
C LEU B 139 -6.73 -14.83 -16.92
N LYS B 140 -7.15 -14.89 -18.21
CA LYS B 140 -8.35 -15.65 -18.58
C LYS B 140 -8.17 -17.15 -18.32
N ASP B 141 -6.92 -17.62 -18.30
CA ASP B 141 -6.64 -19.04 -18.22
C ASP B 141 -5.98 -19.42 -16.90
N PHE B 142 -5.75 -18.45 -16.02
CA PHE B 142 -5.15 -18.72 -14.72
C PHE B 142 -6.03 -19.70 -13.95
N ASN B 143 -5.40 -20.76 -13.42
CA ASN B 143 -6.14 -21.73 -12.63
C ASN B 143 -6.16 -21.29 -11.16
N PHE B 144 -7.28 -20.70 -10.73
CA PHE B 144 -7.39 -20.17 -9.39
C PHE B 144 -7.61 -21.26 -8.37
N ASN B 145 -7.84 -22.50 -8.82
CA ASN B 145 -7.98 -23.61 -7.88
C ASN B 145 -6.61 -24.12 -7.43
N LYS B 146 -5.57 -23.83 -8.22
CA LYS B 146 -4.20 -24.27 -7.94
C LYS B 146 -3.26 -23.06 -8.03
N PRO B 147 -3.48 -22.01 -7.22
CA PRO B 147 -2.60 -20.85 -7.26
C PRO B 147 -1.26 -21.20 -6.65
N ARG B 148 -0.17 -20.78 -7.29
CA ARG B 148 1.19 -21.13 -6.87
C ARG B 148 2.02 -19.86 -6.69
N PHE B 149 3.08 -19.99 -5.90
CA PHE B 149 4.05 -18.93 -5.69
C PHE B 149 4.99 -18.84 -6.89
N ASP B 150 5.21 -17.65 -7.43
CA ASP B 150 6.30 -17.46 -8.37
C ASP B 150 6.82 -16.01 -8.30
N PHE B 151 7.99 -15.77 -8.91
CA PHE B 151 8.58 -14.44 -8.91
C PHE B 151 8.20 -13.71 -10.20
N TYR B 152 7.99 -12.39 -10.10
CA TYR B 152 7.93 -11.50 -11.25
C TYR B 152 9.16 -11.67 -12.13
N GLU B 153 8.92 -11.82 -13.44
CA GLU B 153 9.97 -11.87 -14.44
C GLU B 153 10.12 -10.43 -14.93
N GLY B 154 10.79 -9.61 -14.10
CA GLY B 154 10.86 -8.18 -14.33
C GLY B 154 11.65 -7.48 -13.25
N ALA B 155 11.77 -6.16 -13.37
CA ALA B 155 12.63 -5.40 -12.48
C ALA B 155 11.88 -4.98 -11.22
N VAL B 156 12.65 -4.69 -10.17
CA VAL B 156 12.10 -4.18 -8.93
C VAL B 156 13.07 -3.15 -8.34
N TYR B 157 12.53 -1.96 -7.96
CA TYR B 157 13.32 -0.89 -7.35
C TYR B 157 13.05 -0.77 -5.81
#